data_7PGK
#
_entry.id   7PGK
#
_cell.length_a   60.240
_cell.length_b   60.240
_cell.length_c   108.480
_cell.angle_alpha   90.00
_cell.angle_beta   90.00
_cell.angle_gamma   90.00
#
_symmetry.space_group_name_H-M   'P 42 21 2'
#
loop_
_entity.id
_entity.type
_entity.pdbx_description
1 polymer 'Hedgehog-interacting protein'
2 branched 1,3,4,6-tetra-O-sulfo-beta-D-fructofuranose-(2-1)-2,3,4,6-tetra-O-sulfonato-alpha-D-glucopyranose
#
_entity_poly.entity_id   1
_entity_poly.type   'polypeptide(L)'
_entity_poly.pdbx_seq_one_letter_code
;ETGCLNGNPPKRLKRRDRRMMSQLELLSGGEMLCGGFYPRLSCCLRSDSPGLGRLENKIFSVTNNTECGKLLEEIKCALC
SPHSQSLFHSPEREVLERDLVLPLLCKDYCKEFFYTCRGHIPGFLQTTADEFCFYYARKDGGLCFPDFPRKQVRGPASNY
LDQMEEYDKVEEISGTKHHHHHH
;
_entity_poly.pdbx_strand_id   A
#
# COMPACT_ATOMS: atom_id res chain seq x y z
N GLU A 1 -0.82 -12.57 10.00
CA GLU A 1 0.25 -12.21 10.94
C GLU A 1 0.79 -10.83 10.61
N THR A 2 0.51 -9.86 11.49
CA THR A 2 0.92 -8.46 11.35
C THR A 2 2.43 -8.29 11.61
N GLY A 3 3.00 -7.21 11.07
CA GLY A 3 4.42 -6.87 11.22
C GLY A 3 4.84 -5.74 10.30
N CYS A 4 5.77 -4.89 10.79
CA CYS A 4 6.29 -3.74 10.02
C CYS A 4 7.64 -4.06 9.37
N LEU A 5 8.07 -3.18 8.46
CA LEU A 5 9.34 -3.28 7.71
C LEU A 5 10.58 -3.11 8.60
N ASN A 6 10.47 -2.36 9.72
CA ASN A 6 11.60 -2.13 10.63
C ASN A 6 11.83 -3.31 11.60
N GLY A 7 10.97 -4.34 11.52
CA GLY A 7 11.06 -5.54 12.34
C GLY A 7 10.26 -5.48 13.63
N ASN A 8 9.55 -4.36 13.86
CA ASN A 8 8.73 -4.13 15.04
C ASN A 8 7.23 -4.35 14.74
N PRO A 9 6.37 -4.65 15.74
CA PRO A 9 4.94 -4.87 15.42
C PRO A 9 4.18 -3.54 15.21
N PRO A 10 2.98 -3.55 14.55
CA PRO A 10 2.25 -2.28 14.37
C PRO A 10 1.72 -1.70 15.69
N LYS A 11 1.38 -0.41 15.68
CA LYS A 11 0.90 0.27 16.89
C LYS A 11 -0.58 0.61 16.81
N ARG A 12 -1.28 0.35 17.93
CA ARG A 12 -2.71 0.54 18.12
C ARG A 12 -3.03 1.97 18.56
N LEU A 13 -4.05 2.58 17.92
CA LEU A 13 -4.53 3.91 18.25
C LEU A 13 -5.75 3.73 19.16
N LYS A 14 -5.53 3.91 20.47
CA LYS A 14 -6.51 3.74 21.55
C LYS A 14 -7.53 4.91 21.62
N ARG A 15 -8.48 4.82 22.57
CA ARG A 15 -9.53 5.81 22.84
C ARG A 15 -8.92 7.17 23.21
N ARG A 16 -7.86 7.17 24.04
CA ARG A 16 -7.15 8.38 24.45
C ARG A 16 -6.34 8.95 23.28
N ASP A 17 -5.79 8.06 22.45
CA ASP A 17 -4.96 8.40 21.29
C ASP A 17 -5.78 9.04 20.16
N ARG A 18 -6.99 8.53 19.88
CA ARG A 18 -7.85 9.06 18.81
C ARG A 18 -8.47 10.42 19.19
N ARG A 19 -8.67 10.69 20.51
CA ARG A 19 -9.23 11.95 21.01
C ARG A 19 -8.25 13.11 20.79
N MET A 20 -6.94 12.82 20.80
CA MET A 20 -5.89 13.80 20.54
C MET A 20 -5.87 14.15 19.04
N MET A 21 -5.83 13.11 18.17
CA MET A 21 -5.83 13.19 16.70
C MET A 21 -7.00 14.03 16.17
N SER A 22 -8.20 13.89 16.78
CA SER A 22 -9.42 14.62 16.42
C SER A 22 -9.30 16.13 16.69
N GLN A 23 -8.49 16.51 17.69
CA GLN A 23 -8.26 17.90 18.10
C GLN A 23 -7.09 18.57 17.33
N LEU A 24 -6.37 17.80 16.48
CA LEU A 24 -5.20 18.29 15.73
C LEU A 24 -5.49 18.44 14.24
N GLU A 25 -5.24 19.65 13.71
CA GLU A 25 -5.44 20.00 12.31
C GLU A 25 -4.45 21.10 11.90
N GLU A 31 -6.57 13.08 7.97
CA GLU A 31 -5.74 14.29 7.96
C GLU A 31 -4.24 13.95 8.00
N MET A 32 -3.84 12.97 8.84
CA MET A 32 -2.44 12.59 9.00
C MET A 32 -2.20 11.06 9.09
N LEU A 33 -0.97 10.63 8.71
CA LEU A 33 -0.40 9.27 8.75
C LEU A 33 -1.29 8.17 8.12
N CYS A 34 -1.81 8.42 6.89
CA CYS A 34 -2.66 7.50 6.11
C CYS A 34 -3.85 6.99 6.95
N GLY A 35 -4.49 7.92 7.67
CA GLY A 35 -5.63 7.66 8.55
C GLY A 35 -6.85 7.06 7.88
N GLY A 36 -7.06 7.41 6.61
CA GLY A 36 -8.18 6.92 5.82
C GLY A 36 -8.12 5.44 5.50
N PHE A 37 -6.89 4.89 5.39
CA PHE A 37 -6.67 3.47 5.09
C PHE A 37 -6.40 2.66 6.35
N TYR A 38 -5.56 3.18 7.28
CA TYR A 38 -5.20 2.48 8.53
C TYR A 38 -5.35 3.40 9.76
N PRO A 39 -6.59 3.58 10.29
CA PRO A 39 -6.76 4.47 11.46
C PRO A 39 -6.38 3.84 12.81
N ARG A 40 -6.79 2.58 13.07
CA ARG A 40 -6.54 1.88 14.34
C ARG A 40 -5.14 1.26 14.41
N LEU A 41 -4.78 0.38 13.47
CA LEU A 41 -3.48 -0.30 13.48
C LEU A 41 -2.59 0.19 12.33
N SER A 42 -1.46 0.83 12.67
CA SER A 42 -0.54 1.41 11.69
C SER A 42 0.94 1.16 12.05
N CYS A 43 1.79 1.18 11.02
CA CYS A 43 3.24 0.99 11.15
C CYS A 43 3.96 2.35 11.06
N CYS A 44 3.19 3.42 10.78
CA CYS A 44 3.69 4.79 10.66
C CYS A 44 3.50 5.59 11.97
N LEU A 45 3.16 4.90 13.08
CA LEU A 45 2.96 5.53 14.39
C LEU A 45 4.25 5.69 15.18
N ARG A 46 5.17 4.69 15.15
CA ARG A 46 6.47 4.74 15.86
C ARG A 46 7.62 4.20 15.00
N SER A 47 8.87 4.44 15.43
CA SER A 47 10.08 3.95 14.74
C SER A 47 11.09 3.39 15.75
N ASN A 65 -3.88 17.07 -10.01
CA ASN A 65 -4.63 15.92 -9.51
C ASN A 65 -5.06 15.03 -10.69
N THR A 66 -4.46 13.83 -10.78
CA THR A 66 -4.72 12.86 -11.85
C THR A 66 -5.15 11.49 -11.26
N GLU A 67 -5.68 10.60 -12.13
CA GLU A 67 -6.14 9.26 -11.79
C GLU A 67 -4.99 8.36 -11.31
N CYS A 68 -3.79 8.52 -11.90
CA CYS A 68 -2.58 7.77 -11.56
C CYS A 68 -2.03 8.21 -10.20
N GLY A 69 -2.10 9.50 -9.92
CA GLY A 69 -1.62 10.11 -8.67
C GLY A 69 -2.28 9.56 -7.41
N LYS A 70 -3.63 9.38 -7.45
CA LYS A 70 -4.42 8.81 -6.35
C LYS A 70 -3.99 7.37 -6.07
N LEU A 71 -3.71 6.59 -7.13
CA LEU A 71 -3.28 5.20 -7.06
C LEU A 71 -1.86 5.11 -6.50
N LEU A 72 -0.97 6.07 -6.85
CA LEU A 72 0.39 6.13 -6.35
C LEU A 72 0.40 6.54 -4.86
N GLU A 73 -0.57 7.39 -4.45
CA GLU A 73 -0.76 7.85 -3.07
C GLU A 73 -1.16 6.69 -2.16
N GLU A 74 -1.95 5.73 -2.70
CA GLU A 74 -2.39 4.52 -1.98
C GLU A 74 -1.19 3.61 -1.73
N ILE A 75 -0.39 3.33 -2.80
CA ILE A 75 0.82 2.49 -2.78
C ILE A 75 1.89 3.12 -1.85
N LYS A 76 1.90 4.45 -1.74
CA LYS A 76 2.79 5.19 -0.84
C LYS A 76 2.42 4.91 0.62
N CYS A 77 1.11 4.72 0.88
CA CYS A 77 0.54 4.43 2.20
C CYS A 77 0.70 2.95 2.60
N ALA A 78 1.16 2.07 1.68
CA ALA A 78 1.37 0.65 1.95
C ALA A 78 2.47 0.42 3.01
N LEU A 79 3.32 1.44 3.24
CA LEU A 79 4.38 1.41 4.25
C LEU A 79 3.79 1.50 5.66
N CYS A 80 2.60 2.16 5.78
CA CYS A 80 1.87 2.38 7.02
C CYS A 80 0.99 1.18 7.37
N SER A 81 0.79 0.25 6.41
CA SER A 81 -0.03 -0.94 6.59
C SER A 81 0.48 -1.80 7.76
N PRO A 82 -0.42 -2.39 8.59
CA PRO A 82 0.07 -3.25 9.69
C PRO A 82 0.70 -4.55 9.19
N HIS A 83 0.59 -4.82 7.87
CA HIS A 83 1.12 -6.00 7.18
C HIS A 83 2.19 -5.60 6.12
N SER A 84 2.85 -4.42 6.31
CA SER A 84 3.85 -3.88 5.38
C SER A 84 5.04 -4.83 5.15
N GLN A 85 5.44 -5.60 6.19
CA GLN A 85 6.52 -6.59 6.11
C GLN A 85 6.15 -7.72 5.16
N SER A 86 4.91 -8.24 5.28
CA SER A 86 4.38 -9.32 4.46
C SER A 86 4.12 -8.88 3.01
N LEU A 87 3.71 -7.62 2.81
CA LEU A 87 3.36 -7.04 1.51
C LEU A 87 4.58 -6.70 0.64
N PHE A 88 5.63 -6.09 1.22
CA PHE A 88 6.79 -5.68 0.43
C PHE A 88 7.80 -6.81 0.19
N HIS A 89 8.03 -7.70 1.17
CA HIS A 89 8.99 -8.79 0.98
C HIS A 89 8.31 -10.03 0.40
N SER A 90 8.84 -10.49 -0.76
CA SER A 90 8.37 -11.64 -1.53
C SER A 90 8.50 -12.95 -0.75
N ARG A 98 13.41 -3.77 -13.74
CA ARG A 98 12.65 -2.52 -13.61
C ARG A 98 13.12 -1.69 -12.40
N ASP A 99 13.50 -2.38 -11.29
CA ASP A 99 13.97 -1.81 -10.01
C ASP A 99 12.88 -0.91 -9.37
N LEU A 100 11.62 -1.37 -9.43
CA LEU A 100 10.46 -0.67 -8.91
C LEU A 100 9.97 -1.36 -7.63
N VAL A 101 10.05 -0.63 -6.49
CA VAL A 101 9.64 -1.13 -5.17
C VAL A 101 8.12 -0.94 -5.01
N LEU A 102 7.38 -2.05 -5.14
CA LEU A 102 5.91 -2.09 -5.01
C LEU A 102 5.46 -3.20 -4.07
N PRO A 103 4.36 -3.02 -3.29
CA PRO A 103 3.88 -4.14 -2.46
C PRO A 103 3.19 -5.20 -3.32
N LEU A 104 3.04 -6.43 -2.79
CA LEU A 104 2.36 -7.53 -3.50
C LEU A 104 0.91 -7.12 -3.74
N LEU A 105 0.60 -6.71 -4.98
CA LEU A 105 -0.72 -6.22 -5.38
C LEU A 105 -1.70 -7.35 -5.70
N CYS A 106 -3.00 -7.02 -5.66
CA CYS A 106 -4.07 -7.96 -5.99
C CYS A 106 -4.23 -7.98 -7.51
N LYS A 107 -4.65 -9.14 -8.07
CA LYS A 107 -4.84 -9.36 -9.51
C LYS A 107 -5.57 -8.19 -10.20
N ASP A 108 -6.73 -7.78 -9.65
CA ASP A 108 -7.58 -6.71 -10.17
C ASP A 108 -6.94 -5.32 -10.04
N TYR A 109 -6.30 -5.02 -8.90
CA TYR A 109 -5.66 -3.73 -8.61
C TYR A 109 -4.39 -3.54 -9.43
N CYS A 110 -3.59 -4.61 -9.62
CA CYS A 110 -2.35 -4.58 -10.41
C CYS A 110 -2.67 -4.20 -11.85
N LYS A 111 -3.68 -4.88 -12.44
CA LYS A 111 -4.20 -4.65 -13.79
C LYS A 111 -4.69 -3.21 -13.92
N GLU A 112 -5.42 -2.71 -12.90
CA GLU A 112 -5.97 -1.35 -12.82
C GLU A 112 -4.85 -0.31 -12.78
N PHE A 113 -3.85 -0.51 -11.89
CA PHE A 113 -2.71 0.39 -11.70
C PHE A 113 -1.83 0.45 -12.95
N PHE A 114 -1.63 -0.69 -13.64
CA PHE A 114 -0.82 -0.78 -14.84
C PHE A 114 -1.38 0.11 -15.97
N TYR A 115 -2.68 -0.04 -16.31
CA TYR A 115 -3.32 0.73 -17.38
C TYR A 115 -3.52 2.22 -17.02
N THR A 116 -3.80 2.54 -15.76
CA THR A 116 -4.02 3.92 -15.29
C THR A 116 -2.68 4.69 -15.31
N CYS A 117 -1.58 4.02 -14.94
CA CYS A 117 -0.24 4.62 -14.87
C CYS A 117 0.68 4.14 -16.02
N ARG A 118 0.08 3.77 -17.17
CA ARG A 118 0.84 3.27 -18.33
C ARG A 118 1.62 4.39 -19.05
N GLY A 119 0.97 5.53 -19.28
CA GLY A 119 1.58 6.66 -19.96
C GLY A 119 2.48 7.51 -19.07
N HIS A 120 2.33 7.37 -17.75
CA HIS A 120 3.08 8.12 -16.74
C HIS A 120 4.31 7.36 -16.26
N ILE A 121 4.22 6.03 -16.06
CA ILE A 121 5.36 5.22 -15.64
C ILE A 121 5.99 4.66 -16.94
N PRO A 122 7.31 4.91 -17.16
CA PRO A 122 7.95 4.57 -18.45
C PRO A 122 7.87 3.11 -18.93
N GLY A 123 8.52 2.17 -18.22
CA GLY A 123 8.58 0.76 -18.60
C GLY A 123 7.27 0.02 -18.82
N PHE A 124 6.15 0.64 -18.46
CA PHE A 124 4.78 0.09 -18.58
C PHE A 124 4.33 -0.03 -20.03
N LEU A 125 4.76 0.90 -20.90
CA LEU A 125 4.40 0.87 -22.32
C LEU A 125 5.16 -0.21 -23.09
N GLN A 126 6.29 -0.70 -22.51
CA GLN A 126 7.14 -1.70 -23.14
C GLN A 126 6.80 -3.13 -22.71
N THR A 127 5.77 -3.30 -21.87
CA THR A 127 5.33 -4.61 -21.39
C THR A 127 3.79 -4.70 -21.41
N THR A 128 3.24 -5.89 -21.15
CA THR A 128 1.79 -6.14 -21.09
C THR A 128 1.33 -6.27 -19.64
N ALA A 129 0.00 -6.20 -19.40
CA ALA A 129 -0.59 -6.31 -18.07
C ALA A 129 -0.38 -7.70 -17.45
N ASP A 130 -0.44 -8.76 -18.27
CA ASP A 130 -0.23 -10.14 -17.82
C ASP A 130 1.23 -10.39 -17.42
N GLU A 131 2.18 -9.81 -18.18
CA GLU A 131 3.62 -9.91 -17.92
C GLU A 131 4.01 -9.18 -16.63
N PHE A 132 3.51 -7.94 -16.46
CA PHE A 132 3.78 -7.07 -15.31
C PHE A 132 3.22 -7.66 -14.01
N CYS A 133 1.96 -8.16 -14.03
CA CYS A 133 1.29 -8.72 -12.86
C CYS A 133 1.77 -10.15 -12.54
N PHE A 134 2.61 -10.75 -13.38
CA PHE A 134 3.16 -12.07 -13.09
C PHE A 134 4.28 -11.94 -12.04
N TYR A 135 5.00 -10.80 -12.07
CA TYR A 135 6.11 -10.52 -11.17
C TYR A 135 5.72 -9.58 -10.02
N TYR A 136 4.71 -8.71 -10.21
CA TYR A 136 4.31 -7.73 -9.20
C TYR A 136 3.01 -8.07 -8.45
N ALA A 137 2.15 -8.95 -9.01
CA ALA A 137 0.90 -9.32 -8.32
C ALA A 137 0.95 -10.72 -7.73
N ARG A 138 0.05 -10.98 -6.77
CA ARG A 138 -0.08 -12.26 -6.07
C ARG A 138 -1.24 -13.08 -6.66
N LYS A 139 -0.96 -14.33 -7.07
CA LYS A 139 -1.95 -15.25 -7.65
C LYS A 139 -2.34 -16.33 -6.62
N ASP A 140 -1.61 -16.37 -5.48
CA ASP A 140 -1.78 -17.31 -4.35
C ASP A 140 -3.22 -17.28 -3.80
N GLY A 141 -3.78 -16.08 -3.67
CA GLY A 141 -5.13 -15.88 -3.14
C GLY A 141 -5.15 -15.40 -1.70
N GLY A 142 -3.97 -15.12 -1.15
CA GLY A 142 -3.81 -14.64 0.22
C GLY A 142 -3.91 -13.13 0.34
N LEU A 143 -3.13 -12.56 1.28
CA LEU A 143 -3.12 -11.12 1.54
C LEU A 143 -2.35 -10.37 0.45
N CYS A 144 -2.99 -9.32 -0.11
CA CYS A 144 -2.43 -8.46 -1.15
C CYS A 144 -2.89 -7.02 -0.96
N PHE A 145 -2.17 -6.06 -1.59
CA PHE A 145 -2.50 -4.64 -1.55
C PHE A 145 -3.52 -4.32 -2.64
N PRO A 146 -4.61 -3.55 -2.39
CA PRO A 146 -4.96 -2.83 -1.14
C PRO A 146 -5.43 -3.70 0.01
N ASP A 147 -4.99 -3.33 1.22
CA ASP A 147 -5.41 -3.97 2.47
C ASP A 147 -6.83 -3.49 2.76
N PHE A 148 -7.00 -2.16 2.88
CA PHE A 148 -8.24 -1.42 3.06
C PHE A 148 -9.30 -1.75 1.98
N PRO A 149 -10.61 -1.56 2.23
CA PRO A 149 -11.60 -1.83 1.17
C PRO A 149 -11.70 -0.66 0.19
#